data_6Y6E
#
_entry.id   6Y6E
#
_cell.length_a   89.880
_cell.length_b   89.880
_cell.length_c   58.750
_cell.angle_alpha   90.000
_cell.angle_beta   90.000
_cell.angle_gamma   120.000
#
_symmetry.space_group_name_H-M   'P 62'
#
loop_
_entity.id
_entity.type
_entity.pdbx_description
1 polymer 'Upstream of N-ras, isoform A'
2 non-polymer 'ETHYL MERCURY ION'
3 water water
#
_entity_poly.entity_id   1
_entity_poly.type   'polypeptide(L)'
_entity_poly.pdbx_seq_one_letter_code
;GGAVDSTVYKGQVLKSLDRNNPVRQNNDPLPGRIRYRALDYSEVEVPFGDKDQKGDFTLRHGDWVQFLLATDRRDQLQRA
TSIALLDETFKVSGEKREQGTIASLKEGFGFLRCVERQARLFFHFTEVLDTSREIDINDEVEFTVIQEPGLAYNNSRLQA
IRIKHLPPNSVQFETLVASNIEGCVTREAPKSPIKSQDRVEGGVITYEHADVKKTIMYFLKDCEKPPRIGERVRFDIYMV
KRNKECIAVNVQQVSLH
;
_entity_poly.pdbx_strand_id   A
#
loop_
_chem_comp.id
_chem_comp.type
_chem_comp.name
_chem_comp.formula
EMC non-polymer 'ETHYL MERCURY ION' 'C2 H5 Hg 1'
#
# COMPACT_ATOMS: atom_id res chain seq x y z
N ALA A 3 -17.79 18.99 29.57
CA ALA A 3 -17.12 19.05 28.28
C ALA A 3 -16.96 17.66 27.67
N VAL A 4 -15.72 17.19 27.60
CA VAL A 4 -15.38 15.93 26.94
C VAL A 4 -15.16 14.87 28.01
N ASP A 5 -15.78 13.70 27.81
CA ASP A 5 -15.57 12.58 28.71
C ASP A 5 -14.16 11.99 28.52
N SER A 6 -13.72 11.23 29.51
CA SER A 6 -12.36 10.70 29.52
C SER A 6 -12.23 9.28 29.03
N THR A 7 -13.33 8.53 28.95
CA THR A 7 -13.27 7.13 28.54
C THR A 7 -13.09 7.02 27.03
N VAL A 8 -12.19 6.15 26.61
CA VAL A 8 -11.97 5.87 25.20
C VAL A 8 -13.09 4.94 24.73
N TYR A 9 -14.03 5.49 23.97
CA TYR A 9 -15.16 4.70 23.49
C TYR A 9 -14.82 4.04 22.16
N LYS A 10 -15.48 2.92 21.90
CA LYS A 10 -15.30 2.15 20.67
C LYS A 10 -16.66 1.99 19.99
N GLY A 11 -16.71 2.30 18.70
CA GLY A 11 -17.96 2.20 17.97
C GLY A 11 -17.71 2.06 16.48
N GLN A 12 -18.81 2.06 15.73
CA GLN A 12 -18.78 1.93 14.29
C GLN A 12 -19.41 3.13 13.63
N VAL A 13 -18.88 3.49 12.46
CA VAL A 13 -19.42 4.61 11.69
C VAL A 13 -20.75 4.17 11.09
N LEU A 14 -21.84 4.80 11.54
CA LEU A 14 -23.16 4.51 11.00
C LEU A 14 -23.46 5.33 9.74
N LYS A 15 -22.97 6.57 9.68
CA LYS A 15 -23.17 7.43 8.52
C LYS A 15 -21.91 8.26 8.32
N SER A 16 -21.27 8.10 7.16
CA SER A 16 -20.04 8.82 6.87
C SER A 16 -20.32 10.29 6.56
N LEU A 17 -19.25 11.07 6.52
CA LEU A 17 -19.36 12.48 6.13
C LEU A 17 -19.32 12.60 4.62
N ASP A 18 -20.11 13.54 4.09
CA ASP A 18 -20.21 13.76 2.65
C ASP A 18 -19.20 14.84 2.26
N ARG A 19 -18.12 14.42 1.59
CA ARG A 19 -17.10 15.37 1.15
C ARG A 19 -17.29 15.82 -0.30
N ASN A 20 -18.01 15.05 -1.10
CA ASN A 20 -18.27 15.42 -2.48
C ASN A 20 -19.28 16.55 -2.58
N ASP A 28 -26.95 20.34 8.21
CA ASP A 28 -26.59 19.62 9.42
C ASP A 28 -25.12 19.86 9.79
N PRO A 29 -24.89 20.56 10.90
CA PRO A 29 -23.50 20.76 11.36
C PRO A 29 -22.83 19.50 11.82
N LEU A 30 -23.59 18.46 12.20
CA LEU A 30 -23.04 17.17 12.60
C LEU A 30 -23.77 16.07 11.84
N PRO A 31 -23.50 15.93 10.54
CA PRO A 31 -24.24 14.94 9.74
C PRO A 31 -23.79 13.50 9.96
N GLY A 32 -22.57 13.28 10.44
CA GLY A 32 -22.11 11.93 10.67
C GLY A 32 -22.81 11.26 11.83
N ARG A 33 -22.73 9.94 11.85
CA ARG A 33 -23.36 9.13 12.90
C ARG A 33 -22.44 7.98 13.28
N ILE A 34 -22.33 7.72 14.57
CA ILE A 34 -21.54 6.61 15.10
C ILE A 34 -22.40 5.82 16.07
N ARG A 35 -22.46 4.51 15.87
CA ARG A 35 -23.21 3.62 16.75
C ARG A 35 -22.23 2.88 17.65
N TYR A 36 -22.44 2.99 18.97
CA TYR A 36 -21.56 2.37 19.93
C TYR A 36 -22.39 1.75 21.05
N ARG A 37 -21.73 0.96 21.89
CA ARG A 37 -22.35 0.34 23.04
C ARG A 37 -21.90 1.07 24.31
N ALA A 38 -22.85 1.69 25.00
CA ALA A 38 -22.54 2.41 26.22
C ALA A 38 -22.12 1.43 27.31
N LEU A 39 -21.61 1.99 28.41
CA LEU A 39 -21.15 1.17 29.53
C LEU A 39 -22.28 0.39 30.18
N ASP A 40 -23.53 0.77 29.94
CA ASP A 40 -24.69 0.06 30.48
C ASP A 40 -25.30 -0.91 29.47
N TYR A 41 -24.52 -1.33 28.47
CA TYR A 41 -24.88 -2.31 27.46
C TYR A 41 -25.99 -1.86 26.52
N SER A 42 -26.31 -0.57 26.50
CA SER A 42 -27.31 -0.06 25.58
C SER A 42 -26.66 0.42 24.29
N GLU A 43 -27.39 0.30 23.19
CA GLU A 43 -26.92 0.75 21.89
C GLU A 43 -27.27 2.23 21.72
N VAL A 44 -26.26 3.03 21.38
CA VAL A 44 -26.40 4.48 21.30
C VAL A 44 -25.86 4.96 19.96
N GLU A 45 -26.56 5.92 19.36
CA GLU A 45 -26.08 6.63 18.18
C GLU A 45 -25.71 8.05 18.59
N VAL A 46 -24.59 8.54 18.06
CA VAL A 46 -24.07 9.85 18.43
C VAL A 46 -23.57 10.56 17.18
N PRO A 47 -23.89 11.84 16.99
CA PRO A 47 -23.47 12.55 15.78
C PRO A 47 -22.05 13.08 15.90
N PHE A 48 -21.52 13.52 14.76
CA PHE A 48 -20.21 14.15 14.70
C PHE A 48 -20.10 14.93 13.40
N GLY A 49 -19.12 15.85 13.38
CA GLY A 49 -18.92 16.71 12.23
C GLY A 49 -17.52 16.69 11.67
N ASP A 50 -17.15 17.73 10.92
CA ASP A 50 -15.83 17.78 10.29
C ASP A 50 -14.73 17.82 11.34
N LYS A 51 -14.81 18.77 12.27
CA LYS A 51 -13.76 18.94 13.26
C LYS A 51 -13.74 17.83 14.31
N ASP A 52 -14.71 16.92 14.28
CA ASP A 52 -14.75 15.82 15.24
C ASP A 52 -13.85 14.65 14.86
N GLN A 53 -13.35 14.63 13.62
CA GLN A 53 -12.37 13.64 13.21
C GLN A 53 -10.96 14.14 13.55
N LYS A 54 -10.11 13.23 14.02
CA LYS A 54 -8.73 13.61 14.32
C LYS A 54 -8.01 14.10 13.08
N GLY A 55 -8.40 13.60 11.91
CA GLY A 55 -7.85 14.09 10.66
C GLY A 55 -8.92 13.99 9.59
N ASP A 56 -8.69 14.72 8.50
CA ASP A 56 -9.63 14.75 7.37
C ASP A 56 -9.55 13.51 6.49
N PHE A 57 -9.32 12.33 7.07
CA PHE A 57 -9.24 11.11 6.31
C PHE A 57 -10.64 10.57 5.99
N THR A 58 -10.69 9.60 5.09
CA THR A 58 -11.96 9.04 4.63
C THR A 58 -12.44 7.97 5.60
N LEU A 59 -13.56 8.21 6.25
CA LEU A 59 -14.24 7.21 7.05
C LEU A 59 -15.35 6.58 6.22
N ARG A 60 -15.64 5.32 6.51
CA ARG A 60 -16.58 4.55 5.71
C ARG A 60 -17.62 3.88 6.59
N HIS A 61 -18.73 3.49 5.95
CA HIS A 61 -19.82 2.82 6.63
C HIS A 61 -19.35 1.50 7.22
N GLY A 62 -19.42 1.37 8.53
CA GLY A 62 -19.02 0.16 9.23
C GLY A 62 -17.63 0.21 9.82
N ASP A 63 -16.87 1.28 9.60
CA ASP A 63 -15.52 1.38 10.13
C ASP A 63 -15.54 1.36 11.66
N TRP A 64 -14.65 0.55 12.23
CA TRP A 64 -14.45 0.57 13.68
C TRP A 64 -13.57 1.77 14.04
N VAL A 65 -14.05 2.58 14.99
CA VAL A 65 -13.40 3.85 15.31
C VAL A 65 -13.30 4.00 16.82
N GLN A 66 -12.30 4.77 17.24
CA GLN A 66 -12.18 5.27 18.61
C GLN A 66 -12.67 6.71 18.66
N PHE A 67 -13.22 7.11 19.80
CA PHE A 67 -13.72 8.47 19.94
C PHE A 67 -13.94 8.77 21.42
N LEU A 68 -14.14 10.06 21.71
CA LEU A 68 -14.49 10.53 23.03
C LEU A 68 -15.85 11.22 22.96
N LEU A 69 -16.63 11.08 24.03
CA LEU A 69 -17.98 11.65 24.08
C LEU A 69 -17.92 13.04 24.68
N ALA A 70 -18.33 14.04 23.90
CA ALA A 70 -18.35 15.43 24.33
C ALA A 70 -19.80 15.86 24.55
N THR A 71 -20.05 16.52 25.68
CA THR A 71 -21.39 17.00 26.03
C THR A 71 -21.43 18.51 25.83
N ASP A 72 -22.33 18.97 24.96
CA ASP A 72 -22.54 20.38 24.70
C ASP A 72 -23.87 20.77 25.33
N ARG A 73 -23.80 21.46 26.47
CA ARG A 73 -25.02 21.84 27.19
C ARG A 73 -25.80 22.90 26.42
N ARG A 74 -25.10 23.84 25.79
CA ARG A 74 -25.79 24.91 25.06
C ARG A 74 -26.50 24.35 23.83
N ASP A 75 -25.89 23.40 23.14
CA ASP A 75 -26.52 22.77 21.99
C ASP A 75 -27.42 21.61 22.38
N GLN A 76 -27.41 21.21 23.66
CA GLN A 76 -28.34 20.21 24.19
C GLN A 76 -28.20 18.87 23.47
N LEU A 77 -26.96 18.43 23.26
CA LEU A 77 -26.71 17.14 22.63
C LEU A 77 -25.29 16.70 22.96
N GLN A 78 -25.08 15.38 22.91
CA GLN A 78 -23.78 14.78 23.09
C GLN A 78 -23.16 14.49 21.73
N ARG A 79 -21.84 14.60 21.67
CA ARG A 79 -21.11 14.56 20.41
C ARG A 79 -19.92 13.61 20.49
N ALA A 80 -19.66 12.91 19.41
CA ALA A 80 -18.44 12.12 19.27
C ALA A 80 -17.35 13.02 18.70
N THR A 81 -16.16 12.94 19.29
CA THR A 81 -15.06 13.82 18.90
C THR A 81 -13.74 13.07 18.99
N SER A 82 -12.71 13.65 18.38
CA SER A 82 -11.38 13.05 18.31
C SER A 82 -11.46 11.62 17.76
N ILE A 83 -12.19 11.47 16.66
CA ILE A 83 -12.44 10.15 16.09
C ILE A 83 -11.20 9.70 15.33
N ALA A 84 -10.79 8.45 15.57
CA ALA A 84 -9.65 7.85 14.90
C ALA A 84 -10.02 6.47 14.38
N LEU A 85 -9.53 6.14 13.19
CA LEU A 85 -9.81 4.85 12.59
C LEU A 85 -9.00 3.76 13.28
N LEU A 86 -9.66 2.63 13.56
CA LEU A 86 -9.00 1.49 14.17
C LEU A 86 -8.51 0.52 13.12
N ASP A 87 -7.33 -0.05 13.36
CA ASP A 87 -6.72 -0.93 12.36
C ASP A 87 -7.52 -2.21 12.15
N GLU A 88 -8.29 -2.64 13.15
CA GLU A 88 -9.06 -3.87 13.03
C GLU A 88 -10.14 -3.77 11.96
N THR A 89 -10.46 -2.56 11.51
CA THR A 89 -11.42 -2.41 10.41
C THR A 89 -10.95 -3.13 9.16
N PHE A 90 -9.66 -3.03 8.84
CA PHE A 90 -9.13 -3.64 7.63
C PHE A 90 -9.19 -5.16 7.66
N LYS A 91 -9.28 -5.77 8.84
CA LYS A 91 -9.41 -7.22 8.93
C LYS A 91 -10.81 -7.71 8.59
N VAL A 92 -11.81 -6.82 8.61
CA VAL A 92 -13.19 -7.18 8.28
C VAL A 92 -13.77 -6.29 7.20
N SER A 93 -13.03 -5.28 6.73
CA SER A 93 -13.58 -4.33 5.76
C SER A 93 -13.87 -5.01 4.42
N GLY A 94 -12.95 -5.84 3.95
CA GLY A 94 -13.04 -6.39 2.61
C GLY A 94 -12.43 -5.51 1.54
N GLU A 95 -12.00 -4.29 1.89
CA GLU A 95 -11.34 -3.42 0.94
C GLU A 95 -9.95 -3.93 0.61
N LYS A 96 -9.46 -3.56 -0.57
CA LYS A 96 -8.15 -4.00 -1.03
C LYS A 96 -7.07 -3.12 -0.43
N ARG A 97 -6.27 -3.70 0.47
CA ARG A 97 -5.16 -2.99 1.11
C ARG A 97 -3.87 -3.31 0.37
N GLU A 98 -3.15 -2.27 -0.05
CA GLU A 98 -1.90 -2.42 -0.77
C GLU A 98 -0.76 -1.78 0.02
N GLN A 99 0.46 -2.13 -0.36
CA GLN A 99 1.66 -1.67 0.32
C GLN A 99 2.47 -0.74 -0.59
N GLY A 100 3.38 0.00 0.04
CA GLY A 100 4.23 0.90 -0.70
C GLY A 100 5.04 1.76 0.26
N THR A 101 5.83 2.65 -0.32
CA THR A 101 6.66 3.57 0.44
C THR A 101 6.46 4.99 -0.10
N ILE A 102 6.65 5.97 0.79
CA ILE A 102 6.53 7.37 0.40
C ILE A 102 7.69 7.73 -0.51
N ALA A 103 7.39 8.06 -1.76
CA ALA A 103 8.42 8.36 -2.75
C ALA A 103 8.79 9.83 -2.77
N SER A 104 7.81 10.73 -2.67
CA SER A 104 8.07 12.15 -2.69
C SER A 104 7.04 12.85 -1.80
N LEU A 105 7.43 14.02 -1.31
CA LEU A 105 6.57 14.83 -0.44
C LEU A 105 6.55 16.26 -0.97
N LYS A 106 5.36 16.73 -1.35
CA LYS A 106 5.16 18.11 -1.75
C LYS A 106 4.35 18.82 -0.66
N GLU A 107 3.69 19.93 -1.03
CA GLU A 107 2.92 20.72 -0.08
C GLU A 107 1.46 20.28 -0.17
N GLY A 108 0.99 19.56 0.85
CA GLY A 108 -0.37 19.08 0.90
C GLY A 108 -0.60 17.74 0.26
N PHE A 109 0.36 17.24 -0.53
CA PHE A 109 0.21 15.97 -1.22
C PHE A 109 1.57 15.37 -1.47
N GLY A 110 1.57 14.15 -1.98
CA GLY A 110 2.79 13.45 -2.32
C GLY A 110 2.52 12.30 -3.27
N PHE A 111 3.55 11.49 -3.46
CA PHE A 111 3.45 10.32 -4.33
C PHE A 111 4.09 9.11 -3.65
N LEU A 112 3.48 7.95 -3.84
CA LEU A 112 3.94 6.71 -3.24
C LEU A 112 4.52 5.79 -4.31
N ARG A 113 5.58 5.07 -3.96
CA ARG A 113 6.11 4.00 -4.80
C ARG A 113 5.37 2.73 -4.40
N CYS A 114 4.50 2.24 -5.30
CA CYS A 114 3.62 1.14 -5.00
C CYS A 114 4.30 -0.20 -5.23
N VAL A 115 3.82 -1.22 -4.50
CA VAL A 115 4.36 -2.56 -4.65
C VAL A 115 3.78 -3.24 -5.89
N GLU A 116 2.48 -3.09 -6.12
CA GLU A 116 1.78 -3.80 -7.17
C GLU A 116 1.44 -2.93 -8.37
N ARG A 117 1.94 -1.69 -8.41
CA ARG A 117 1.60 -0.76 -9.48
C ARG A 117 2.86 -0.08 -10.00
N GLN A 118 2.86 0.18 -11.31
CA GLN A 118 4.03 0.76 -11.97
C GLN A 118 4.14 2.26 -11.71
N ALA A 119 3.04 2.99 -11.84
CA ALA A 119 3.06 4.44 -11.74
C ALA A 119 3.12 4.91 -10.29
N ARG A 120 3.63 6.12 -10.11
CA ARG A 120 3.60 6.75 -8.80
C ARG A 120 2.17 7.13 -8.43
N LEU A 121 1.79 6.83 -7.20
CA LEU A 121 0.41 7.00 -6.74
C LEU A 121 0.28 8.29 -5.94
N PHE A 122 -0.57 9.19 -6.42
CA PHE A 122 -0.89 10.42 -5.69
C PHE A 122 -1.56 10.08 -4.36
N PHE A 123 -1.32 10.93 -3.36
CA PHE A 123 -2.01 10.79 -2.09
C PHE A 123 -2.08 12.15 -1.40
N HIS A 124 -3.24 12.45 -0.83
CA HIS A 124 -3.41 13.66 -0.05
C HIS A 124 -2.82 13.47 1.35
N PHE A 125 -2.23 14.54 1.90
CA PHE A 125 -1.70 14.47 3.24
C PHE A 125 -2.80 14.23 4.27
N THR A 126 -4.04 14.63 3.95
CA THR A 126 -5.15 14.46 4.87
C THR A 126 -5.58 13.01 5.03
N GLU A 127 -5.13 12.11 4.15
CA GLU A 127 -5.51 10.70 4.23
C GLU A 127 -4.61 9.89 5.14
N VAL A 128 -3.57 10.50 5.71
CA VAL A 128 -2.72 9.80 6.67
C VAL A 128 -3.51 9.59 7.95
N LEU A 129 -3.63 8.33 8.37
CA LEU A 129 -4.49 8.01 9.50
C LEU A 129 -3.90 8.50 10.82
N ASP A 130 -2.59 8.34 11.01
CA ASP A 130 -1.93 8.72 12.26
C ASP A 130 -1.53 10.18 12.20
N THR A 131 -2.25 11.03 12.93
CA THR A 131 -1.89 12.43 13.07
C THR A 131 -0.93 12.68 14.23
N SER A 132 -0.56 11.63 14.96
CA SER A 132 0.34 11.77 16.10
C SER A 132 1.81 11.73 15.70
N ARG A 133 2.12 11.24 14.50
CA ARG A 133 3.50 11.08 14.07
C ARG A 133 3.72 11.79 12.74
N GLU A 134 4.99 11.99 12.41
CA GLU A 134 5.37 12.62 11.16
C GLU A 134 5.41 11.60 10.03
N ILE A 135 5.40 12.11 8.80
CA ILE A 135 5.60 11.30 7.61
C ILE A 135 6.90 11.74 6.95
N ASP A 136 7.63 10.77 6.42
CA ASP A 136 8.94 11.03 5.82
C ASP A 136 9.09 10.19 4.55
N ILE A 137 10.14 10.49 3.80
CA ILE A 137 10.44 9.70 2.60
C ILE A 137 10.78 8.28 3.02
N ASN A 138 10.39 7.32 2.18
CA ASN A 138 10.63 5.89 2.38
C ASN A 138 9.86 5.30 3.55
N ASP A 139 8.81 5.98 4.01
CA ASP A 139 7.96 5.42 5.05
C ASP A 139 7.13 4.27 4.48
N GLU A 140 7.24 3.10 5.09
CA GLU A 140 6.44 1.96 4.66
C GLU A 140 5.00 2.16 5.10
N VAL A 141 4.07 2.17 4.14
CA VAL A 141 2.67 2.50 4.40
C VAL A 141 1.76 1.48 3.75
N GLU A 142 0.55 1.38 4.30
CA GLU A 142 -0.54 0.58 3.76
C GLU A 142 -1.71 1.49 3.45
N PHE A 143 -2.39 1.24 2.33
CA PHE A 143 -3.39 2.18 1.85
C PHE A 143 -4.44 1.45 1.02
N THR A 144 -5.46 2.21 0.63
CA THR A 144 -6.52 1.73 -0.27
C THR A 144 -6.57 2.65 -1.47
N VAL A 145 -6.62 2.07 -2.67
CA VAL A 145 -6.61 2.83 -3.91
C VAL A 145 -8.04 3.03 -4.40
N ILE A 146 -8.39 4.27 -4.72
CA ILE A 146 -9.68 4.60 -5.30
C ILE A 146 -9.46 5.31 -6.63
N GLN A 147 -10.47 5.24 -7.48
CA GLN A 147 -10.43 5.81 -8.82
C GLN A 147 -11.56 6.83 -8.99
N GLU A 148 -11.24 7.95 -9.63
CA GLU A 148 -12.23 8.99 -9.88
C GLU A 148 -12.14 9.50 -11.31
N SER A 156 -10.44 8.30 -13.72
CA SER A 156 -9.11 8.00 -14.23
C SER A 156 -8.02 8.61 -13.34
N ARG A 157 -8.45 9.28 -12.29
CA ARG A 157 -7.54 9.87 -11.30
C ARG A 157 -7.44 8.93 -10.11
N LEU A 158 -6.25 8.40 -9.87
CA LEU A 158 -6.01 7.48 -8.78
C LEU A 158 -5.39 8.19 -7.59
N GLN A 159 -5.74 7.72 -6.40
CA GLN A 159 -5.18 8.27 -5.17
C GLN A 159 -5.29 7.23 -4.07
N ALA A 160 -4.36 7.30 -3.12
CA ALA A 160 -4.32 6.39 -1.98
C ALA A 160 -5.01 7.04 -0.79
N ILE A 161 -5.95 6.32 -0.18
CA ILE A 161 -6.70 6.81 0.96
C ILE A 161 -6.52 5.86 2.13
N ARG A 162 -6.82 6.36 3.33
CA ARG A 162 -6.74 5.58 4.57
C ARG A 162 -5.35 4.95 4.73
N ILE A 163 -4.36 5.83 4.81
CA ILE A 163 -2.95 5.43 4.78
C ILE A 163 -2.50 5.13 6.21
N LYS A 164 -2.02 3.91 6.42
CA LYS A 164 -1.57 3.46 7.73
C LYS A 164 -0.07 3.16 7.70
N HIS A 165 0.63 3.57 8.74
CA HIS A 165 2.05 3.29 8.86
C HIS A 165 2.29 1.81 9.13
N LEU A 166 3.30 1.25 8.49
CA LEU A 166 3.66 -0.15 8.68
C LEU A 166 4.95 -0.27 9.48
N PRO A 167 5.10 -1.34 10.25
CA PRO A 167 6.37 -1.56 10.99
C PRO A 167 7.52 -1.76 10.03
N PRO A 168 8.76 -1.60 10.49
CA PRO A 168 9.92 -1.75 9.60
C PRO A 168 10.02 -3.14 9.00
N ASN A 169 10.61 -3.20 7.80
CA ASN A 169 10.86 -4.45 7.08
C ASN A 169 9.57 -5.20 6.78
N SER A 170 8.51 -4.45 6.49
CA SER A 170 7.22 -5.04 6.15
C SER A 170 6.92 -5.06 4.65
N VAL A 171 7.58 -4.20 3.87
CA VAL A 171 7.28 -4.01 2.46
C VAL A 171 8.43 -4.59 1.64
N GLN A 172 8.09 -5.49 0.71
CA GLN A 172 9.06 -6.08 -0.21
C GLN A 172 8.56 -5.88 -1.63
N PHE A 173 9.33 -5.13 -2.43
CA PHE A 173 8.93 -4.84 -3.81
C PHE A 173 9.27 -5.99 -4.76
N GLU A 174 10.19 -6.86 -4.38
CA GLU A 174 10.53 -8.03 -5.18
C GLU A 174 10.85 -9.19 -4.24
N THR A 175 10.48 -10.39 -4.67
CA THR A 175 10.66 -11.59 -3.85
C THR A 175 11.44 -12.64 -4.63
N LEU A 176 12.34 -13.33 -3.94
CA LEU A 176 13.04 -14.47 -4.50
C LEU A 176 12.11 -15.67 -4.51
N VAL A 177 11.79 -16.19 -5.69
CA VAL A 177 10.88 -17.30 -5.82
C VAL A 177 11.58 -18.61 -6.15
N ALA A 178 12.79 -18.58 -6.67
CA ALA A 178 13.52 -19.79 -7.01
C ALA A 178 14.99 -19.45 -7.20
N SER A 179 15.85 -20.40 -6.88
CA SER A 179 17.30 -20.23 -7.00
C SER A 179 17.90 -21.41 -7.74
N ASN A 180 19.02 -21.15 -8.42
CA ASN A 180 19.78 -22.17 -9.14
C ASN A 180 18.93 -22.88 -10.18
N ILE A 181 18.11 -22.11 -10.89
CA ILE A 181 17.31 -22.63 -11.99
C ILE A 181 18.15 -22.60 -13.25
N GLU A 182 18.02 -23.64 -14.08
CA GLU A 182 18.82 -23.78 -15.30
C GLU A 182 17.92 -23.69 -16.52
N GLY A 183 18.45 -23.08 -17.57
CA GLY A 183 17.73 -22.94 -18.83
C GLY A 183 18.68 -22.61 -19.95
N CYS A 184 18.11 -22.31 -21.12
CA CYS A 184 18.88 -21.98 -22.31
C CYS A 184 18.55 -20.57 -22.75
N VAL A 185 19.57 -19.84 -23.17
CA VAL A 185 19.40 -18.50 -23.73
C VAL A 185 18.84 -18.66 -25.14
N THR A 186 17.57 -18.26 -25.33
CA THR A 186 16.93 -18.36 -26.63
C THR A 186 16.88 -17.04 -27.38
N ARG A 187 17.19 -15.93 -26.72
CA ARG A 187 17.47 -14.67 -27.42
C ARG A 187 18.49 -13.92 -26.60
N GLU A 188 19.67 -13.68 -27.18
CA GLU A 188 20.73 -13.00 -26.47
C GLU A 188 20.36 -11.54 -26.22
N ALA A 189 20.72 -11.03 -25.05
CA ALA A 189 20.49 -9.64 -24.74
C ALA A 189 21.26 -8.75 -25.72
N PRO A 190 20.72 -7.58 -26.06
CA PRO A 190 21.40 -6.72 -27.04
C PRO A 190 22.78 -6.31 -26.55
N LYS A 191 23.78 -6.50 -27.42
CA LYS A 191 25.16 -6.16 -27.10
C LYS A 191 25.30 -4.68 -26.80
N SER A 192 25.37 -4.33 -25.52
CA SER A 192 25.44 -2.93 -25.11
C SER A 192 26.83 -2.58 -24.60
N ILE A 194 27.76 0.75 -24.28
CA ILE A 194 27.79 2.04 -23.60
C ILE A 194 27.73 1.83 -22.08
N LYS A 195 27.61 2.94 -21.34
CA LYS A 195 27.65 2.86 -19.89
C LYS A 195 26.30 2.51 -19.29
N SER A 196 25.22 3.11 -19.81
CA SER A 196 23.91 2.89 -19.24
C SER A 196 23.46 1.45 -19.45
N GLN A 197 22.82 0.87 -18.44
CA GLN A 197 22.40 -0.52 -18.46
C GLN A 197 20.96 -0.64 -18.95
N ASP A 198 20.72 -1.58 -19.86
CA ASP A 198 19.39 -1.76 -20.41
C ASP A 198 18.44 -2.35 -19.37
N ARG A 199 17.20 -1.88 -19.38
CA ARG A 199 16.17 -2.37 -18.47
C ARG A 199 14.84 -2.61 -19.17
N VAL A 200 14.81 -2.64 -20.50
CA VAL A 200 13.56 -2.74 -21.23
C VAL A 200 13.65 -3.87 -22.27
N GLU A 201 14.71 -3.85 -23.07
CA GLU A 201 14.85 -4.85 -24.14
C GLU A 201 15.26 -6.21 -23.57
N GLY A 202 16.51 -6.32 -23.11
CA GLY A 202 17.00 -7.53 -22.49
C GLY A 202 17.01 -8.74 -23.41
N GLY A 203 17.30 -9.88 -22.79
CA GLY A 203 17.30 -11.16 -23.47
C GLY A 203 16.21 -12.08 -22.94
N VAL A 204 16.17 -13.28 -23.51
CA VAL A 204 15.16 -14.27 -23.18
C VAL A 204 15.84 -15.59 -22.82
N ILE A 205 15.48 -16.15 -21.67
CA ILE A 205 15.94 -17.46 -21.23
C ILE A 205 14.74 -18.40 -21.20
N THR A 206 14.91 -19.58 -21.76
CA THR A 206 13.87 -20.60 -21.80
C THR A 206 14.26 -21.75 -20.89
N TYR A 207 13.36 -22.11 -19.96
CA TYR A 207 13.61 -23.17 -19.00
C TYR A 207 12.34 -23.98 -18.78
N GLU A 208 12.52 -25.25 -18.45
CA GLU A 208 11.41 -26.18 -18.23
C GLU A 208 11.44 -26.60 -16.76
N HIS A 209 10.99 -25.69 -15.89
CA HIS A 209 11.02 -25.93 -14.46
C HIS A 209 9.63 -26.16 -13.89
N VAL A 212 6.02 -28.08 -18.81
CA VAL A 212 5.73 -26.69 -18.47
C VAL A 212 6.93 -25.79 -18.80
N LYS A 213 7.18 -25.60 -20.09
CA LYS A 213 8.27 -24.75 -20.54
C LYS A 213 7.88 -23.28 -20.41
N LYS A 214 8.79 -22.48 -19.85
CA LYS A 214 8.51 -21.08 -19.57
C LYS A 214 9.64 -20.21 -20.12
N THR A 215 9.31 -18.95 -20.36
CA THR A 215 10.27 -17.92 -20.74
C THR A 215 10.49 -16.97 -19.57
N ILE A 216 11.65 -16.35 -19.54
CA ILE A 216 11.98 -15.35 -18.53
C ILE A 216 13.00 -14.39 -19.11
N MET A 217 12.83 -13.10 -18.81
CA MET A 217 13.71 -12.07 -19.32
C MET A 217 14.92 -11.89 -18.41
N TYR A 218 16.05 -11.56 -19.03
CA TYR A 218 17.26 -11.21 -18.30
C TYR A 218 17.90 -10.00 -18.96
N PHE A 219 18.72 -9.30 -18.18
CA PHE A 219 19.38 -8.09 -18.64
C PHE A 219 20.87 -8.18 -18.36
N LEU A 220 21.65 -7.42 -19.13
CA LEU A 220 23.10 -7.45 -18.99
C LEU A 220 23.55 -6.98 -17.62
N LYS A 221 22.75 -6.14 -16.95
CA LYS A 221 23.09 -5.69 -15.60
C LYS A 221 23.13 -6.84 -14.60
N ASP A 222 22.40 -7.94 -14.88
CA ASP A 222 22.27 -9.04 -13.94
C ASP A 222 23.13 -10.25 -14.31
N CYS A 223 24.22 -10.03 -15.04
CA CYS A 223 25.19 -11.09 -15.30
C CYS A 223 26.58 -10.50 -15.40
N GLU A 224 27.56 -11.25 -14.91
CA GLU A 224 28.97 -10.96 -15.13
C GLU A 224 29.45 -11.85 -16.27
N LYS A 225 29.99 -11.23 -17.32
CA LYS A 225 30.29 -11.87 -18.60
C LYS A 225 28.99 -12.31 -19.26
N PRO A 226 28.62 -11.71 -20.39
CA PRO A 226 27.33 -12.00 -21.01
C PRO A 226 27.31 -13.40 -21.63
N PRO A 227 26.24 -14.15 -21.42
CA PRO A 227 26.13 -15.46 -22.07
C PRO A 227 25.75 -15.34 -23.53
N ARG A 228 26.19 -16.31 -24.32
CA ARG A 228 25.92 -16.34 -25.75
C ARG A 228 24.60 -17.05 -26.03
N ILE A 229 24.12 -16.90 -27.26
CA ILE A 229 22.85 -17.50 -27.66
C ILE A 229 22.98 -19.02 -27.64
N GLY A 230 21.99 -19.68 -27.04
CA GLY A 230 21.97 -21.13 -26.96
C GLY A 230 22.78 -21.73 -25.83
N GLU A 231 23.44 -20.92 -25.02
CA GLU A 231 24.25 -21.44 -23.94
C GLU A 231 23.39 -21.77 -22.72
N ARG A 232 23.77 -22.84 -22.02
CA ARG A 232 23.10 -23.20 -20.78
C ARG A 232 23.53 -22.26 -19.67
N VAL A 233 22.55 -21.74 -18.92
CA VAL A 233 22.82 -20.77 -17.86
C VAL A 233 22.13 -21.21 -16.58
N ARG A 234 22.65 -20.71 -15.46
CA ARG A 234 22.02 -20.86 -14.15
C ARG A 234 21.70 -19.48 -13.62
N PHE A 235 20.53 -19.35 -12.97
CA PHE A 235 20.04 -18.05 -12.58
C PHE A 235 19.10 -18.18 -11.40
N ASP A 236 18.90 -17.07 -10.70
CA ASP A 236 17.86 -16.95 -9.68
C ASP A 236 16.69 -16.18 -10.26
N ILE A 237 15.49 -16.49 -9.77
CA ILE A 237 14.26 -15.90 -10.26
C ILE A 237 13.68 -14.99 -9.17
N TYR A 238 13.44 -13.73 -9.54
CA TYR A 238 12.84 -12.75 -8.64
C TYR A 238 11.52 -12.27 -9.23
N MET A 239 10.51 -12.12 -8.38
CA MET A 239 9.18 -11.71 -8.80
C MET A 239 9.06 -10.20 -8.60
N VAL A 240 8.95 -9.46 -9.70
CA VAL A 240 8.74 -8.02 -9.66
C VAL A 240 7.23 -7.80 -9.67
N LYS A 241 6.67 -7.44 -8.51
CA LYS A 241 5.22 -7.39 -8.36
C LYS A 241 4.59 -6.26 -9.16
N ARG A 242 5.27 -5.10 -9.22
CA ARG A 242 4.71 -3.97 -9.95
C ARG A 242 4.59 -4.25 -11.44
N ASN A 243 5.42 -5.14 -11.97
CA ASN A 243 5.37 -5.51 -13.38
C ASN A 243 4.63 -6.82 -13.62
N LYS A 244 4.25 -7.54 -12.57
CA LYS A 244 3.54 -8.81 -12.68
C LYS A 244 4.33 -9.81 -13.52
N GLU A 245 5.64 -9.83 -13.35
CA GLU A 245 6.52 -10.71 -14.10
C GLU A 245 7.73 -11.07 -13.26
N CYS A 246 8.43 -12.12 -13.66
CA CYS A 246 9.66 -12.55 -13.03
C CYS A 246 10.85 -12.22 -13.91
N ILE A 247 12.00 -12.03 -13.26
CA ILE A 247 13.24 -11.66 -13.93
C ILE A 247 14.34 -12.61 -13.48
N ALA A 248 15.19 -13.02 -14.43
CA ALA A 248 16.33 -13.88 -14.14
C ALA A 248 17.54 -13.01 -13.80
N VAL A 249 18.10 -13.22 -12.60
CA VAL A 249 19.28 -12.50 -12.15
C VAL A 249 20.35 -13.50 -11.75
N ASN A 250 21.55 -12.98 -11.47
CA ASN A 250 22.72 -13.79 -11.14
C ASN A 250 22.97 -14.84 -12.22
N VAL A 251 22.80 -14.43 -13.48
CA VAL A 251 22.94 -15.35 -14.60
C VAL A 251 24.42 -15.67 -14.81
N GLN A 252 24.72 -16.97 -14.87
CA GLN A 252 26.09 -17.43 -15.09
C GLN A 252 26.05 -18.68 -15.97
N GLN A 253 27.13 -18.89 -16.72
CA GLN A 253 27.20 -20.00 -17.64
C GLN A 253 27.37 -21.32 -16.89
N VAL A 254 26.91 -22.40 -17.51
CA VAL A 254 26.99 -23.75 -16.98
C VAL A 254 27.86 -24.57 -17.91
N SER A 255 28.97 -25.10 -17.37
CA SER A 255 29.90 -25.91 -18.13
C SER A 255 29.58 -27.40 -18.01
N LEU A 256 29.25 -27.84 -16.80
CA LEU A 256 28.85 -29.22 -16.57
C LEU A 256 27.34 -29.33 -16.78
N HIS A 257 26.95 -29.76 -17.97
CA HIS A 257 25.54 -29.88 -18.32
C HIS A 257 24.95 -31.14 -17.72
HG EMC B . 26.50 -9.29 -18.54
HG EMC C . 6.10 -14.11 -12.10
HG EMC D . 21.24 -24.73 -24.15
C1 EMC D . 22.33 -26.44 -24.14
C2 EMC D . 22.08 -27.24 -22.96
HG EMC E . 0.24 3.43 -8.26
C1 EMC E . -0.70 3.62 -10.06
#